data_2Y2Z
#
_entry.id   2Y2Z
#
_cell.length_a   116.060
_cell.length_b   116.060
_cell.length_c   109.381
_cell.angle_alpha   90.00
_cell.angle_beta   90.00
_cell.angle_gamma   120.00
#
_symmetry.space_group_name_H-M   'H 3 2'
#
loop_
_entity.id
_entity.type
_entity.pdbx_description
1 polymer 'PUTATIVE REPRESSOR SIMREG2'
2 water water
#
_entity_poly.entity_id   1
_entity_poly.type   'polypeptide(L)'
_entity_poly.pdbx_seq_one_letter_code
;MNENEPVSIWMHPEPAGRRSARSHRTLSRDQIVRAAVKVADTEGVEAASMRRVAAELGAGTMSLYYYVPTKEDLVELMVD
EVIGETRLPDRPGPDWRAALTLAANEKRALWLRHPWLATAWRNGHPVWGPNSLRQQEFVLGTLGVFDLQVDELLSLIGLY
NGYVESFVRNEVGWLEEARRTKVDMREWMRRSGPYAQQLVDSGEYPMFARVLAETVAPHMGPDQRFRSGLERLLDSIGAS
LDRLSPPGRSAASERPALALEHHHHHH
;
_entity_poly.pdbx_strand_id   A
#
# COMPACT_ATOMS: atom_id res chain seq x y z
N VAL A 7 -2.13 -21.42 -16.49
CA VAL A 7 -3.24 -20.39 -16.45
C VAL A 7 -3.14 -19.34 -15.31
N SER A 8 -2.99 -18.05 -15.67
CA SER A 8 -2.87 -17.00 -14.63
C SER A 8 -4.21 -16.73 -14.01
N ILE A 9 -4.22 -16.49 -12.70
CA ILE A 9 -5.48 -16.24 -12.04
C ILE A 9 -6.13 -15.00 -12.67
N TRP A 10 -5.34 -14.18 -13.35
CA TRP A 10 -5.88 -13.03 -14.15
C TRP A 10 -6.64 -13.38 -15.44
N MET A 11 -6.32 -14.51 -16.03
CA MET A 11 -7.09 -14.99 -17.19
C MET A 11 -8.01 -16.18 -16.85
N HIS A 12 -7.86 -16.70 -15.62
CA HIS A 12 -8.59 -17.90 -15.22
C HIS A 12 -10.08 -17.62 -15.47
N PRO A 13 -10.71 -18.40 -16.33
CA PRO A 13 -12.08 -18.10 -16.68
C PRO A 13 -13.03 -18.15 -15.45
N GLU A 14 -13.68 -17.04 -15.15
CA GLU A 14 -14.67 -17.01 -14.05
C GLU A 14 -15.95 -17.80 -14.42
N PRO A 15 -16.37 -18.71 -13.55
CA PRO A 15 -17.60 -19.45 -13.82
C PRO A 15 -18.83 -18.56 -13.75
N ALA A 16 -19.90 -18.97 -14.39
CA ALA A 16 -21.19 -18.31 -14.26
C ALA A 16 -21.50 -18.02 -12.77
N GLY A 17 -22.15 -16.89 -12.49
CA GLY A 17 -22.77 -16.61 -11.18
C GLY A 17 -23.59 -17.81 -10.77
N ARG A 18 -23.36 -18.33 -9.57
CA ARG A 18 -24.10 -19.49 -9.05
C ARG A 18 -24.92 -19.13 -7.80
N ARG A 19 -26.21 -19.46 -7.84
CA ARG A 19 -27.12 -19.26 -6.71
C ARG A 19 -27.02 -20.46 -5.74
N SER A 20 -26.88 -20.17 -4.46
CA SER A 20 -26.79 -21.20 -3.41
C SER A 20 -28.16 -21.71 -2.93
N ALA A 21 -28.13 -22.48 -1.85
CA ALA A 21 -29.35 -22.90 -1.11
C ALA A 21 -29.34 -22.35 0.33
N ARG A 22 -28.38 -21.47 0.60
CA ARG A 22 -28.18 -20.80 1.89
C ARG A 22 -28.37 -19.28 1.66
N SER A 23 -29.50 -18.74 2.13
CA SER A 23 -29.94 -17.37 1.79
C SER A 23 -30.52 -17.27 0.35
N HIS A 24 -29.98 -18.06 -0.58
CA HIS A 24 -30.45 -18.15 -1.97
C HIS A 24 -29.92 -17.02 -2.88
N ARG A 25 -28.84 -16.35 -2.46
CA ARG A 25 -28.22 -15.25 -3.24
C ARG A 25 -27.21 -15.78 -4.29
N THR A 26 -26.82 -14.92 -5.23
CA THR A 26 -25.89 -15.35 -6.26
C THR A 26 -24.51 -14.79 -5.90
N LEU A 27 -23.51 -15.64 -6.05
CA LEU A 27 -22.15 -15.32 -5.72
C LEU A 27 -21.38 -15.09 -7.03
N SER A 28 -20.26 -14.38 -6.94
CA SER A 28 -19.36 -14.14 -8.05
C SER A 28 -17.95 -13.80 -7.44
N ARG A 29 -16.92 -13.83 -8.26
CA ARG A 29 -15.59 -13.62 -7.76
C ARG A 29 -15.47 -12.27 -7.08
N ASP A 30 -15.90 -11.23 -7.76
CA ASP A 30 -15.69 -9.88 -7.26
C ASP A 30 -16.56 -9.56 -6.00
N GLN A 31 -17.73 -10.20 -5.80
CA GLN A 31 -18.43 -10.14 -4.51
C GLN A 31 -17.61 -10.71 -3.36
N ILE A 32 -17.01 -11.87 -3.57
CA ILE A 32 -16.14 -12.49 -2.60
C ILE A 32 -14.90 -11.63 -2.28
N VAL A 33 -14.25 -11.06 -3.29
CA VAL A 33 -13.03 -10.23 -3.07
C VAL A 33 -13.40 -8.95 -2.31
N ARG A 34 -14.52 -8.30 -2.67
CA ARG A 34 -14.97 -7.13 -1.94
C ARG A 34 -15.33 -7.45 -0.50
N ALA A 35 -15.98 -8.59 -0.25
CA ALA A 35 -16.26 -8.98 1.12
C ALA A 35 -14.96 -9.23 1.89
N ALA A 36 -13.98 -9.89 1.24
CA ALA A 36 -12.68 -10.13 1.86
C ALA A 36 -11.94 -8.77 2.19
N VAL A 37 -12.02 -7.78 1.32
CA VAL A 37 -11.41 -6.45 1.60
C VAL A 37 -12.08 -5.78 2.81
N LYS A 38 -13.40 -5.85 2.87
CA LYS A 38 -14.16 -5.29 4.01
C LYS A 38 -13.71 -5.90 5.33
N VAL A 39 -13.50 -7.21 5.37
CA VAL A 39 -13.00 -7.81 6.62
C VAL A 39 -11.54 -7.43 6.90
N ALA A 40 -10.66 -7.54 5.91
CA ALA A 40 -9.25 -7.20 6.09
C ALA A 40 -9.06 -5.74 6.56
N ASP A 41 -9.90 -4.85 6.04
CA ASP A 41 -9.84 -3.39 6.36
C ASP A 41 -10.01 -3.09 7.83
N THR A 42 -10.79 -3.91 8.53
CA THR A 42 -10.91 -3.81 10.00
C THR A 42 -10.00 -4.78 10.77
N GLU A 43 -9.79 -5.98 10.24
CA GLU A 43 -9.22 -7.05 11.04
C GLU A 43 -7.91 -7.61 10.56
N GLY A 44 -7.44 -7.20 9.38
CA GLY A 44 -6.15 -7.65 8.83
C GLY A 44 -6.34 -8.80 7.87
N VAL A 45 -5.33 -9.11 7.06
CA VAL A 45 -5.49 -10.10 6.00
C VAL A 45 -5.70 -11.49 6.62
N GLU A 46 -5.08 -11.71 7.78
CA GLU A 46 -5.10 -13.01 8.43
C GLU A 46 -6.49 -13.42 8.89
N ALA A 47 -7.26 -12.45 9.36
CA ALA A 47 -8.63 -12.74 9.75
C ALA A 47 -9.55 -13.00 8.57
N ALA A 48 -9.15 -12.60 7.37
CA ALA A 48 -10.01 -12.69 6.20
C ALA A 48 -9.85 -14.07 5.55
N SER A 49 -10.05 -15.11 6.35
CA SER A 49 -9.99 -16.49 5.89
C SER A 49 -11.15 -16.78 4.94
N MET A 50 -10.98 -17.79 4.10
CA MET A 50 -12.06 -18.19 3.23
C MET A 50 -13.32 -18.50 4.06
N ARG A 51 -13.16 -19.14 5.22
CA ARG A 51 -14.31 -19.43 6.07
C ARG A 51 -14.93 -18.18 6.63
N ARG A 52 -14.11 -17.23 7.05
CA ARG A 52 -14.63 -15.99 7.60
C ARG A 52 -15.41 -15.21 6.52
N VAL A 53 -14.83 -15.11 5.33
CA VAL A 53 -15.44 -14.32 4.26
C VAL A 53 -16.73 -15.00 3.81
N ALA A 54 -16.76 -16.33 3.89
CA ALA A 54 -17.94 -17.11 3.56
C ALA A 54 -19.05 -16.77 4.57
N ALA A 55 -18.69 -16.71 5.85
CA ALA A 55 -19.59 -16.23 6.91
C ALA A 55 -20.08 -14.81 6.65
N GLU A 56 -19.20 -13.90 6.25
CA GLU A 56 -19.65 -12.54 5.91
C GLU A 56 -20.71 -12.49 4.82
N LEU A 57 -20.68 -13.45 3.90
CA LEU A 57 -21.60 -13.45 2.77
C LEU A 57 -22.76 -14.35 2.99
N GLY A 58 -22.81 -15.06 4.11
CA GLY A 58 -23.90 -16.00 4.39
C GLY A 58 -23.88 -17.20 3.48
N ALA A 59 -22.70 -17.58 2.99
CA ALA A 59 -22.54 -18.69 2.05
C ALA A 59 -21.72 -19.80 2.66
N GLY A 60 -21.85 -20.99 2.08
CA GLY A 60 -20.99 -22.13 2.42
C GLY A 60 -19.59 -21.87 1.86
N THR A 61 -18.58 -22.17 2.65
CA THR A 61 -17.22 -21.92 2.27
C THR A 61 -16.85 -22.58 0.99
N MET A 62 -17.37 -23.77 0.74
CA MET A 62 -17.05 -24.45 -0.51
C MET A 62 -17.53 -23.70 -1.75
N SER A 63 -18.63 -22.94 -1.62
CA SER A 63 -19.13 -22.13 -2.73
CA SER A 63 -19.15 -22.09 -2.69
C SER A 63 -18.13 -21.04 -3.14
N LEU A 64 -17.32 -20.57 -2.20
CA LEU A 64 -16.29 -19.56 -2.46
C LEU A 64 -15.15 -20.16 -3.27
N TYR A 65 -14.71 -21.39 -2.92
CA TYR A 65 -13.57 -22.00 -3.59
C TYR A 65 -13.81 -22.20 -5.09
N TYR A 66 -15.08 -22.29 -5.46
CA TYR A 66 -15.47 -22.42 -6.83
C TYR A 66 -14.99 -21.20 -7.62
N TYR A 67 -14.96 -20.03 -6.97
CA TYR A 67 -14.46 -18.77 -7.60
C TYR A 67 -13.01 -18.39 -7.30
N VAL A 68 -12.53 -18.76 -6.12
CA VAL A 68 -11.20 -18.35 -5.65
C VAL A 68 -10.61 -19.58 -4.98
N PRO A 69 -9.64 -20.26 -5.63
CA PRO A 69 -9.20 -21.59 -5.17
C PRO A 69 -8.39 -21.61 -3.89
N THR A 70 -7.62 -20.55 -3.62
CA THR A 70 -6.77 -20.53 -2.42
C THR A 70 -6.83 -19.18 -1.74
N LYS A 71 -6.35 -19.13 -0.50
CA LYS A 71 -6.18 -17.88 0.24
C LYS A 71 -5.21 -16.88 -0.43
N GLU A 72 -4.15 -17.45 -0.98
CA GLU A 72 -3.10 -16.71 -1.62
C GLU A 72 -3.65 -16.04 -2.85
N ASP A 73 -4.48 -16.77 -3.60
CA ASP A 73 -5.21 -16.18 -4.75
C ASP A 73 -6.17 -15.08 -4.29
N LEU A 74 -6.84 -15.30 -3.17
CA LEU A 74 -7.73 -14.26 -2.63
C LEU A 74 -6.99 -12.94 -2.30
N VAL A 75 -5.84 -12.99 -1.64
CA VAL A 75 -5.04 -11.79 -1.31
C VAL A 75 -4.58 -11.11 -2.61
N GLU A 76 -4.21 -11.89 -3.61
CA GLU A 76 -3.75 -11.29 -4.88
C GLU A 76 -4.89 -10.49 -5.49
N LEU A 77 -6.07 -11.13 -5.54
CA LEU A 77 -7.27 -10.47 -6.03
C LEU A 77 -7.62 -9.22 -5.22
N MET A 78 -7.56 -9.34 -3.91
CA MET A 78 -7.82 -8.22 -3.00
C MET A 78 -6.88 -7.01 -3.30
N VAL A 79 -5.59 -7.28 -3.46
CA VAL A 79 -4.63 -6.23 -3.79
C VAL A 79 -5.03 -5.54 -5.08
N ASP A 80 -5.32 -6.30 -6.13
CA ASP A 80 -5.59 -5.62 -7.40
C ASP A 80 -6.91 -4.87 -7.33
N GLU A 81 -7.82 -5.43 -6.55
CA GLU A 81 -9.12 -4.83 -6.42
C GLU A 81 -9.03 -3.45 -5.78
N VAL A 82 -8.32 -3.31 -4.68
CA VAL A 82 -8.19 -1.99 -4.01
C VAL A 82 -7.39 -1.02 -4.86
N ILE A 83 -6.38 -1.50 -5.59
CA ILE A 83 -5.65 -0.61 -6.54
C ILE A 83 -6.57 0.07 -7.55
N GLY A 84 -7.66 -0.57 -7.90
CA GLY A 84 -8.63 0.00 -8.74
C GLY A 84 -9.46 1.15 -8.16
N GLU A 85 -9.32 1.46 -6.88
CA GLU A 85 -9.96 2.63 -6.33
C GLU A 85 -9.16 3.90 -6.69
N THR A 86 -7.93 3.72 -7.14
CA THR A 86 -7.06 4.84 -7.40
C THR A 86 -7.61 5.46 -8.67
N ARG A 87 -7.51 6.78 -8.81
N ARG A 87 -7.66 6.79 -8.67
CA ARG A 87 -8.12 7.42 -9.99
CA ARG A 87 -8.27 7.55 -9.76
C ARG A 87 -7.13 7.64 -11.13
C ARG A 87 -7.21 8.33 -10.48
N LEU A 88 -5.98 8.22 -10.82
N LEU A 88 -6.46 7.68 -11.37
CA LEU A 88 -5.08 8.74 -11.88
CA LEU A 88 -5.42 8.37 -12.13
C LEU A 88 -5.72 8.73 -13.26
C LEU A 88 -5.82 8.60 -13.54
N PRO A 89 -5.38 9.73 -14.12
CA PRO A 89 -5.65 9.90 -15.51
C PRO A 89 -5.07 8.79 -16.34
N ASP A 90 -5.61 8.72 -17.54
CA ASP A 90 -5.22 7.72 -18.51
C ASP A 90 -3.77 7.86 -18.97
N ARG A 91 -3.30 9.09 -19.15
CA ARG A 91 -1.93 9.35 -19.53
C ARG A 91 -1.36 10.30 -18.50
N PRO A 92 -0.06 10.18 -18.17
CA PRO A 92 0.55 11.06 -17.16
C PRO A 92 0.71 12.53 -17.53
N GLY A 93 0.71 12.89 -18.80
CA GLY A 93 0.93 14.28 -19.19
C GLY A 93 2.40 14.70 -19.13
N PRO A 94 2.70 15.94 -19.51
CA PRO A 94 4.09 16.35 -19.77
C PRO A 94 4.91 16.66 -18.52
N ASP A 95 4.23 16.79 -17.37
CA ASP A 95 4.87 17.21 -16.14
C ASP A 95 5.08 15.94 -15.32
N TRP A 96 6.29 15.40 -15.38
CA TRP A 96 6.59 14.11 -14.76
C TRP A 96 6.57 14.22 -13.23
N ARG A 97 7.03 15.35 -12.66
CA ARG A 97 7.03 15.54 -11.19
C ARG A 97 5.58 15.60 -10.69
N ALA A 98 4.74 16.31 -11.43
CA ALA A 98 3.31 16.34 -11.11
C ALA A 98 2.65 14.98 -11.14
N ALA A 99 2.88 14.20 -12.19
CA ALA A 99 2.33 12.89 -12.31
C ALA A 99 2.78 11.99 -11.19
N LEU A 100 4.06 12.02 -10.88
CA LEU A 100 4.55 11.14 -9.84
C LEU A 100 4.03 11.57 -8.48
N THR A 101 3.81 12.87 -8.29
CA THR A 101 3.25 13.36 -7.06
C THR A 101 1.79 12.90 -6.89
N LEU A 102 0.95 13.08 -7.91
CA LEU A 102 -0.44 12.61 -7.89
CA LEU A 102 -0.43 12.62 -7.88
C LEU A 102 -0.47 11.12 -7.54
N ALA A 103 0.38 10.33 -8.21
CA ALA A 103 0.37 8.88 -8.00
C ALA A 103 0.80 8.54 -6.56
N ALA A 104 1.79 9.24 -6.04
CA ALA A 104 2.29 8.99 -4.68
C ALA A 104 1.21 9.33 -3.63
N ASN A 105 0.53 10.47 -3.82
CA ASN A 105 -0.58 10.86 -2.96
C ASN A 105 -1.67 9.80 -2.94
N GLU A 106 -2.10 9.38 -4.13
CA GLU A 106 -3.12 8.40 -4.26
C GLU A 106 -2.70 7.05 -3.63
N LYS A 107 -1.43 6.69 -3.81
CA LYS A 107 -0.93 5.46 -3.22
C LYS A 107 -0.92 5.52 -1.69
N ARG A 108 -0.46 6.63 -1.13
CA ARG A 108 -0.41 6.79 0.34
C ARG A 108 -1.82 6.68 0.93
N ALA A 109 -2.76 7.35 0.27
CA ALA A 109 -4.15 7.34 0.72
C ALA A 109 -4.68 5.90 0.59
N LEU A 110 -4.30 5.17 -0.47
CA LEU A 110 -4.76 3.81 -0.64
C LEU A 110 -4.30 2.92 0.53
N TRP A 111 -3.01 3.03 0.87
CA TRP A 111 -2.43 2.24 1.94
C TRP A 111 -3.06 2.59 3.25
N LEU A 112 -3.33 3.87 3.49
CA LEU A 112 -3.97 4.27 4.74
C LEU A 112 -5.41 3.71 4.85
N ARG A 113 -6.12 3.63 3.75
CA ARG A 113 -7.46 3.00 3.72
C ARG A 113 -7.38 1.51 3.86
N HIS A 114 -6.29 0.93 3.38
CA HIS A 114 -6.11 -0.50 3.42
C HIS A 114 -4.75 -0.88 4.00
N PRO A 115 -4.58 -0.78 5.33
CA PRO A 115 -3.22 -0.91 5.88
C PRO A 115 -2.54 -2.27 5.67
N TRP A 116 -3.31 -3.32 5.38
CA TRP A 116 -2.79 -4.65 5.14
C TRP A 116 -1.95 -4.62 3.83
N LEU A 117 -2.15 -3.63 2.97
CA LEU A 117 -1.21 -3.43 1.84
C LEU A 117 0.24 -3.19 2.30
N ALA A 118 0.43 -2.53 3.44
CA ALA A 118 1.78 -2.25 3.92
C ALA A 118 2.47 -3.54 4.32
N THR A 119 1.80 -4.67 4.15
CA THR A 119 2.45 -5.99 4.16
C THR A 119 2.19 -6.84 2.88
N ALA A 120 0.95 -6.83 2.38
CA ALA A 120 0.56 -7.58 1.17
C ALA A 120 1.28 -7.08 -0.08
N TRP A 121 1.49 -5.77 -0.20
CA TRP A 121 2.17 -5.20 -1.36
C TRP A 121 3.63 -5.67 -1.44
N ARG A 122 3.91 -6.24 -2.60
CA ARG A 122 5.10 -7.03 -2.95
C ARG A 122 6.07 -7.58 -1.91
N ASN A 123 5.65 -8.62 -1.19
N ASN A 123 5.53 -8.46 -1.06
CA ASN A 123 6.64 -9.48 -0.56
CA ASN A 123 6.34 -9.49 -0.47
C ASN A 123 7.45 -10.04 -1.72
C ASN A 123 6.17 -10.62 -1.46
N GLY A 124 6.87 -11.05 -2.35
N GLY A 124 7.17 -10.71 -2.33
CA GLY A 124 7.55 -11.77 -3.40
CA GLY A 124 7.26 -11.79 -3.27
C GLY A 124 7.10 -11.33 -4.77
C GLY A 124 7.04 -11.33 -4.69
N HIS A 125 6.24 -12.11 -5.40
CA HIS A 125 5.99 -11.90 -6.82
C HIS A 125 5.14 -10.66 -7.04
N PRO A 126 5.33 -9.97 -8.18
CA PRO A 126 4.53 -8.80 -8.53
C PRO A 126 3.12 -9.22 -8.91
N VAL A 127 2.18 -8.33 -8.63
CA VAL A 127 0.77 -8.54 -8.96
C VAL A 127 0.55 -7.98 -10.37
N TRP A 128 0.14 -8.86 -11.26
CA TRP A 128 0.04 -8.50 -12.68
C TRP A 128 -1.43 -8.50 -13.08
N GLY A 129 -2.32 -8.06 -12.19
CA GLY A 129 -3.72 -7.96 -12.54
C GLY A 129 -3.96 -6.63 -13.21
N PRO A 130 -5.18 -6.42 -13.71
CA PRO A 130 -5.36 -5.24 -14.58
C PRO A 130 -5.18 -3.85 -13.92
N ASN A 131 -5.57 -3.74 -12.66
CA ASN A 131 -5.48 -2.45 -11.99
C ASN A 131 -4.02 -2.15 -11.64
N SER A 132 -3.26 -3.17 -11.23
CA SER A 132 -1.86 -2.94 -10.90
C SER A 132 -1.04 -2.60 -12.15
N LEU A 133 -1.29 -3.31 -13.25
CA LEU A 133 -0.61 -3.07 -14.53
C LEU A 133 -0.87 -1.64 -15.04
N ARG A 134 -2.09 -1.14 -14.86
CA ARG A 134 -2.50 0.17 -15.33
C ARG A 134 -1.80 1.25 -14.55
N GLN A 135 -1.79 1.08 -13.23
CA GLN A 135 -1.08 1.99 -12.35
CA GLN A 135 -1.09 1.98 -12.34
C GLN A 135 0.42 2.00 -12.64
N GLN A 136 0.99 0.83 -12.90
CA GLN A 136 2.39 0.79 -13.24
C GLN A 136 2.73 1.41 -14.58
N GLU A 137 1.86 1.28 -15.57
CA GLU A 137 2.10 1.97 -16.86
C GLU A 137 2.16 3.48 -16.63
N PHE A 138 1.29 3.99 -15.77
CA PHE A 138 1.28 5.44 -15.51
C PHE A 138 2.60 5.90 -14.88
N VAL A 139 3.04 5.19 -13.83
CA VAL A 139 4.30 5.49 -13.16
C VAL A 139 5.54 5.33 -14.04
N LEU A 140 5.70 4.12 -14.59
CA LEU A 140 6.81 3.86 -15.52
C LEU A 140 6.73 4.83 -16.70
N GLY A 141 5.52 5.11 -17.18
CA GLY A 141 5.28 6.04 -18.31
C GLY A 141 5.81 7.45 -18.11
N THR A 142 5.82 7.95 -16.87
CA THR A 142 6.31 9.31 -16.56
C THR A 142 7.80 9.46 -16.93
N LEU A 143 8.57 8.39 -16.77
CA LEU A 143 10.03 8.39 -16.97
C LEU A 143 10.44 7.68 -18.27
N GLY A 144 9.46 7.04 -18.90
CA GLY A 144 9.68 6.33 -20.12
C GLY A 144 9.86 7.24 -21.33
N VAL A 145 9.52 8.53 -21.19
CA VAL A 145 9.68 9.50 -22.28
C VAL A 145 11.13 9.92 -22.49
N PHE A 146 11.99 9.65 -21.51
CA PHE A 146 13.37 10.09 -21.53
C PHE A 146 14.25 9.00 -22.06
N ASP A 147 15.50 9.35 -22.32
CA ASP A 147 16.41 8.38 -22.87
C ASP A 147 17.20 7.67 -21.76
N LEU A 148 16.56 6.67 -21.14
CA LEU A 148 17.21 5.84 -20.14
C LEU A 148 17.25 4.41 -20.62
N GLN A 149 18.28 3.68 -20.20
CA GLN A 149 18.29 2.22 -20.33
C GLN A 149 17.26 1.66 -19.38
N VAL A 150 16.76 0.45 -19.65
CA VAL A 150 15.75 -0.20 -18.81
C VAL A 150 16.23 -0.22 -17.38
N ASP A 151 17.49 -0.61 -17.15
CA ASP A 151 17.92 -0.75 -15.76
C ASP A 151 18.00 0.60 -15.01
N GLU A 152 18.29 1.69 -15.74
CA GLU A 152 18.27 3.04 -15.14
C GLU A 152 16.82 3.36 -14.77
N LEU A 153 15.90 3.08 -15.68
CA LEU A 153 14.52 3.35 -15.43
C LEU A 153 14.00 2.58 -14.20
N LEU A 154 14.28 1.30 -14.07
CA LEU A 154 13.73 0.52 -12.96
C LEU A 154 14.37 0.99 -11.64
N SER A 155 15.65 1.36 -11.71
CA SER A 155 16.37 1.79 -10.53
C SER A 155 15.73 3.06 -9.96
N LEU A 156 15.42 4.02 -10.84
CA LEU A 156 14.85 5.31 -10.41
C LEU A 156 13.42 5.17 -9.91
N ILE A 157 12.62 4.34 -10.60
CA ILE A 157 11.28 4.05 -10.14
C ILE A 157 11.32 3.26 -8.83
N GLY A 158 12.27 2.34 -8.71
CA GLY A 158 12.58 1.72 -7.43
C GLY A 158 12.88 2.73 -6.31
N LEU A 159 13.72 3.72 -6.56
CA LEU A 159 13.99 4.76 -5.52
C LEU A 159 12.73 5.52 -5.09
N TYR A 160 11.95 5.94 -6.09
CA TYR A 160 10.62 6.52 -5.89
C TYR A 160 9.68 5.59 -5.13
N ASN A 161 9.49 4.36 -5.60
CA ASN A 161 8.61 3.41 -4.90
C ASN A 161 9.02 3.14 -3.47
N GLY A 162 10.32 3.00 -3.22
CA GLY A 162 10.83 2.72 -1.88
C GLY A 162 10.59 3.88 -0.93
N TYR A 163 10.69 5.12 -1.42
CA TYR A 163 10.46 6.29 -0.60
C TYR A 163 8.98 6.27 -0.16
N VAL A 164 8.08 6.10 -1.13
CA VAL A 164 6.68 6.19 -0.84
C VAL A 164 6.27 5.04 0.08
N GLU A 165 6.72 3.83 -0.25
CA GLU A 165 6.32 2.67 0.51
C GLU A 165 6.89 2.68 1.92
N SER A 166 8.17 3.06 2.07
CA SER A 166 8.78 3.12 3.43
C SER A 166 8.06 4.14 4.32
N PHE A 167 7.81 5.32 3.78
CA PHE A 167 7.09 6.34 4.53
C PHE A 167 5.75 5.83 5.03
N VAL A 168 4.92 5.31 4.12
CA VAL A 168 3.59 4.90 4.53
C VAL A 168 3.58 3.60 5.38
N ARG A 169 4.49 2.67 5.12
CA ARG A 169 4.65 1.53 6.03
C ARG A 169 4.88 1.98 7.50
N ASN A 170 5.68 3.02 7.70
CA ASN A 170 5.91 3.50 9.09
C ASN A 170 4.66 4.15 9.68
N GLU A 171 3.92 4.92 8.87
CA GLU A 171 2.65 5.51 9.30
C GLU A 171 1.66 4.43 9.74
N VAL A 172 1.51 3.43 8.89
CA VAL A 172 0.62 2.31 9.14
C VAL A 172 1.07 1.54 10.36
N GLY A 173 2.38 1.42 10.56
CA GLY A 173 2.82 0.69 11.70
C GLY A 173 2.41 1.32 13.02
N TRP A 174 2.53 2.62 13.12
CA TRP A 174 2.05 3.32 14.31
C TRP A 174 0.54 3.21 14.50
N LEU A 175 -0.20 3.32 13.41
CA LEU A 175 -1.65 3.25 13.47
C LEU A 175 -2.07 1.88 13.96
N GLU A 176 -1.51 0.85 13.33
CA GLU A 176 -1.74 -0.55 13.74
C GLU A 176 -1.32 -0.79 15.17
N GLU A 177 -0.21 -0.18 15.62
CA GLU A 177 0.23 -0.37 17.00
C GLU A 177 -0.79 0.23 17.93
N ALA A 178 -1.28 1.41 17.58
CA ALA A 178 -2.25 2.10 18.42
C ALA A 178 -3.54 1.27 18.56
N ARG A 179 -4.00 0.63 17.50
CA ARG A 179 -5.17 -0.26 17.55
C ARG A 179 -4.95 -1.41 18.52
N ARG A 180 -3.76 -2.01 18.46
CA ARG A 180 -3.43 -3.17 19.29
C ARG A 180 -3.25 -2.74 20.77
N THR A 181 -2.43 -1.71 21.01
CA THR A 181 -1.97 -1.37 22.37
C THR A 181 -2.75 -0.27 23.04
N LYS A 182 -3.59 0.43 22.28
CA LYS A 182 -4.26 1.65 22.72
C LYS A 182 -3.27 2.79 23.12
N VAL A 183 -1.99 2.66 22.81
CA VAL A 183 -1.02 3.75 23.02
C VAL A 183 -0.55 4.29 21.65
N ASP A 184 -0.87 5.52 21.35
CA ASP A 184 -0.52 6.06 20.05
C ASP A 184 0.83 6.76 20.10
N MET A 185 1.23 7.29 18.97
CA MET A 185 2.55 7.87 18.83
C MET A 185 2.78 8.96 19.91
N ARG A 186 1.88 9.93 20.01
CA ARG A 186 1.98 10.95 21.07
C ARG A 186 2.19 10.46 22.49
N GLU A 187 1.41 9.46 22.87
CA GLU A 187 1.41 8.95 24.19
C GLU A 187 2.69 8.19 24.40
N TRP A 188 3.11 7.43 23.38
CA TRP A 188 4.35 6.68 23.50
C TRP A 188 5.46 7.68 23.75
N MET A 189 5.52 8.74 22.99
CA MET A 189 6.61 9.68 23.13
C MET A 189 6.60 10.32 24.50
N ARG A 190 5.41 10.48 25.11
CA ARG A 190 5.32 11.16 26.43
C ARG A 190 5.88 10.23 27.52
N ARG A 191 5.50 8.95 27.46
CA ARG A 191 5.94 7.96 28.43
C ARG A 191 7.45 7.68 28.36
N SER A 192 8.00 7.74 27.15
CA SER A 192 9.44 7.54 26.93
C SER A 192 10.28 8.77 27.29
N GLY A 193 9.63 9.88 27.62
CA GLY A 193 10.31 11.09 28.02
C GLY A 193 11.39 10.91 29.07
N PRO A 194 11.05 10.26 30.21
CA PRO A 194 12.06 10.11 31.26
C PRO A 194 13.28 9.30 30.84
N TYR A 195 13.05 8.17 30.16
CA TYR A 195 14.12 7.36 29.66
C TYR A 195 14.94 8.14 28.64
N ALA A 196 14.28 8.86 27.72
CA ALA A 196 15.00 9.65 26.73
C ALA A 196 15.93 10.65 27.42
N GLN A 197 15.46 11.23 28.53
CA GLN A 197 16.29 12.19 29.31
C GLN A 197 17.50 11.48 29.94
N GLN A 198 17.29 10.26 30.44
CA GLN A 198 18.40 9.44 30.92
C GLN A 198 19.38 9.23 29.78
N LEU A 199 18.89 8.86 28.59
CA LEU A 199 19.80 8.65 27.45
C LEU A 199 20.61 9.91 27.14
N VAL A 200 19.92 11.03 27.19
CA VAL A 200 20.55 12.33 26.91
C VAL A 200 21.62 12.64 27.98
N ASP A 201 21.25 12.46 29.24
CA ASP A 201 22.17 12.76 30.36
C ASP A 201 23.47 11.93 30.31
N SER A 202 23.37 10.70 29.87
CA SER A 202 24.52 9.80 29.76
C SER A 202 25.62 10.35 28.89
N GLY A 203 25.23 11.09 27.85
CA GLY A 203 26.16 11.63 26.87
C GLY A 203 26.67 10.59 25.91
N GLU A 204 26.08 9.40 25.96
CA GLU A 204 26.53 8.30 25.15
C GLU A 204 26.01 8.41 23.70
N TYR A 205 24.95 9.17 23.52
CA TYR A 205 24.23 9.18 22.26
C TYR A 205 24.02 10.62 21.80
N PRO A 206 25.11 11.34 21.47
CA PRO A 206 24.93 12.77 21.13
C PRO A 206 24.02 13.03 19.94
N MET A 207 23.98 12.11 18.98
CA MET A 207 23.03 12.26 17.85
C MET A 207 21.58 12.04 18.24
N PHE A 208 21.32 10.99 19.00
CA PHE A 208 20.02 10.80 19.62
C PHE A 208 19.60 12.12 20.30
N ALA A 209 20.50 12.74 21.08
CA ALA A 209 20.15 13.94 21.87
C ALA A 209 19.80 15.11 20.96
N ARG A 210 20.65 15.31 19.95
CA ARG A 210 20.37 16.27 18.89
C ARG A 210 18.97 16.16 18.23
N VAL A 211 18.54 14.97 17.86
CA VAL A 211 17.33 14.79 17.08
C VAL A 211 16.06 14.53 17.91
N LEU A 212 16.20 14.52 19.24
CA LEU A 212 15.08 14.08 20.11
C LEU A 212 13.86 14.98 19.98
N ALA A 213 14.05 16.30 20.12
CA ALA A 213 12.95 17.25 20.05
C ALA A 213 12.09 17.01 18.79
N GLU A 214 12.76 16.87 17.65
CA GLU A 214 12.09 16.68 16.35
C GLU A 214 11.52 15.26 16.19
N THR A 215 12.12 14.29 16.90
CA THR A 215 11.63 12.92 16.93
C THR A 215 10.36 12.85 17.78
N VAL A 216 10.40 13.47 18.95
CA VAL A 216 9.33 13.36 19.91
C VAL A 216 8.11 14.23 19.54
N ALA A 217 8.37 15.39 18.94
CA ALA A 217 7.30 16.29 18.64
C ALA A 217 7.66 17.07 17.36
N PRO A 218 7.50 16.43 16.21
CA PRO A 218 8.03 17.07 15.01
C PRO A 218 7.31 18.39 14.70
N HIS A 219 8.04 19.35 14.17
CA HIS A 219 7.46 20.63 13.72
C HIS A 219 6.43 20.41 12.61
N MET A 220 6.69 19.43 11.76
CA MET A 220 5.85 19.15 10.59
C MET A 220 5.12 17.83 10.79
N GLY A 221 3.85 17.75 10.44
CA GLY A 221 3.10 16.50 10.53
C GLY A 221 3.42 15.59 9.36
N PRO A 222 2.88 14.36 9.38
CA PRO A 222 3.20 13.38 8.37
C PRO A 222 2.86 13.83 6.97
N ASP A 223 1.76 14.58 6.80
CA ASP A 223 1.34 14.98 5.48
C ASP A 223 2.37 15.95 4.91
N GLN A 224 2.88 16.83 5.75
CA GLN A 224 3.95 17.74 5.32
C GLN A 224 5.28 17.06 5.05
N ARG A 225 5.67 16.19 5.96
CA ARG A 225 6.89 15.46 5.79
C ARG A 225 6.89 14.54 4.60
N PHE A 226 5.72 13.93 4.30
CA PHE A 226 5.64 13.04 3.15
C PHE A 226 6.04 13.84 1.93
N ARG A 227 5.38 14.97 1.79
CA ARG A 227 5.61 15.85 0.66
C ARG A 227 7.03 16.45 0.58
N SER A 228 7.58 16.94 1.68
CA SER A 228 8.91 17.56 1.61
C SER A 228 9.99 16.55 1.15
N GLY A 229 10.02 15.36 1.73
CA GLY A 229 10.87 14.25 1.27
C GLY A 229 10.61 13.80 -0.16
N LEU A 230 9.34 13.82 -0.59
CA LEU A 230 9.01 13.51 -1.94
C LEU A 230 9.66 14.54 -2.91
N GLU A 231 9.60 15.82 -2.57
CA GLU A 231 10.13 16.87 -3.44
C GLU A 231 11.67 16.74 -3.57
N ARG A 232 12.32 16.41 -2.46
CA ARG A 232 13.74 16.05 -2.45
C ARG A 232 14.03 14.86 -3.33
N LEU A 233 13.24 13.80 -3.16
CA LEU A 233 13.40 12.64 -4.02
C LEU A 233 13.23 13.00 -5.49
N LEU A 234 12.18 13.73 -5.82
CA LEU A 234 11.96 14.17 -7.19
C LEU A 234 13.10 15.05 -7.76
N ASP A 235 13.67 15.94 -6.96
CA ASP A 235 14.83 16.77 -7.40
C ASP A 235 16.01 15.94 -7.85
N SER A 236 16.32 14.91 -7.06
CA SER A 236 17.41 14.03 -7.37
C SER A 236 17.16 13.10 -8.55
N ILE A 237 15.89 12.79 -8.86
CA ILE A 237 15.57 12.03 -10.06
C ILE A 237 15.77 12.98 -11.23
N GLY A 238 15.41 14.24 -10.99
CA GLY A 238 15.55 15.26 -11.98
C GLY A 238 17.04 15.42 -12.29
N ALA A 239 17.89 15.20 -11.30
CA ALA A 239 19.35 15.29 -11.49
C ALA A 239 19.88 14.09 -12.26
N SER A 240 19.38 12.90 -11.96
CA SER A 240 19.78 11.72 -12.74
C SER A 240 19.37 11.90 -14.20
N LEU A 241 18.19 12.49 -14.44
CA LEU A 241 17.74 12.76 -15.81
C LEU A 241 18.55 13.85 -16.58
N ASP A 242 19.14 14.80 -15.86
CA ASP A 242 20.03 15.84 -16.47
C ASP A 242 21.32 15.24 -16.98
N ARG A 243 21.99 14.43 -16.16
CA ARG A 243 23.17 13.66 -16.55
C ARG A 243 22.95 12.82 -17.83
N LEU A 244 21.70 12.42 -18.06
CA LEU A 244 21.32 11.53 -19.15
C LEU A 244 20.40 12.24 -20.15
#